data_3QTT
#
_entry.id   3QTT
#
_cell.length_a   47.147
_cell.length_b   47.147
_cell.length_c   257.661
_cell.angle_alpha   90.00
_cell.angle_beta   90.00
_cell.angle_gamma   90.00
#
_symmetry.space_group_name_H-M   'P 43'
#
loop_
_entity.id
_entity.type
_entity.pdbx_description
1 polymer 'Pantothenate synthetase'
2 non-polymer 'PHOSPHOAMINOPHOSPHONIC ACID-ADENYLATE ESTER'
3 non-polymer PROLINE
4 non-polymer 'MAGNESIUM ION'
5 non-polymer BETA-ALANINE
6 water water
#
_entity_poly.entity_id   1
_entity_poly.type   'polypeptide(L)'
_entity_poly.pdbx_seq_one_letter_code
;SNA(MSE)IIADNIKQFHSIRNSLIKQQKIGFVPT(MSE)GALHNGHISLIKKAKSENDVVIVSIFVNPTQFNNPNDYQT
YPNQLQQDIQILASLDVDVLFNPSEKDIYPDGNLLRIEPKLEIANILEGKSRPGHFSG(MSE)LTVVLKLLQITKPNNLY
LGEKDYQQV(MSE)LIKQLVKDFFINTKIIVCPTQRQPSGLPLSSRNKNLTSTDIEIANKIYEILRQDDFSNLEELTNKI
NSTGAKLQYIQKLNNRIFLAFYIGKVRLIDNFLKETGPSC
;
_entity_poly.pdbx_strand_id   A,B
#
loop_
_chem_comp.id
_chem_comp.type
_chem_comp.name
_chem_comp.formula
ANP non-polymer 'PHOSPHOAMINOPHOSPHONIC ACID-ADENYLATE ESTER' 'C10 H17 N6 O12 P3'
BAL peptide-like BETA-ALANINE 'C3 H7 N O2'
MG non-polymer 'MAGNESIUM ION' 'Mg 2'
#
# COMPACT_ATOMS: atom_id res chain seq x y z
N ALA A 3 -14.15 9.75 -19.61
CA ALA A 3 -13.84 8.78 -20.65
C ALA A 3 -14.13 7.32 -20.23
N MSE A 4 -13.89 6.97 -18.98
CA MSE A 4 -14.41 5.71 -18.49
C MSE A 4 -15.92 5.62 -18.75
O MSE A 4 -16.66 6.56 -18.43
CB MSE A 4 -14.19 5.60 -17.00
CG MSE A 4 -14.72 4.29 -16.45
SE MSE A 4 -14.23 3.99 -14.59
CE MSE A 4 -15.32 5.41 -13.77
N ILE A 5 -16.37 4.50 -19.33
CA ILE A 5 -17.80 4.27 -19.55
C ILE A 5 -18.41 3.61 -18.33
N ILE A 6 -19.64 3.99 -18.03
CA ILE A 6 -20.38 3.28 -16.99
C ILE A 6 -21.67 2.59 -17.42
N ALA A 7 -21.66 1.26 -17.40
CA ALA A 7 -22.85 0.50 -17.71
C ALA A 7 -23.57 0.21 -16.41
N ASP A 8 -24.71 0.89 -16.24
CA ASP A 8 -25.54 0.82 -15.04
C ASP A 8 -26.43 -0.41 -15.04
N ASN A 9 -26.68 -0.93 -16.23
CA ASN A 9 -27.43 -2.15 -16.33
C ASN A 9 -26.87 -3.03 -17.42
N ILE A 10 -27.31 -4.28 -17.44
CA ILE A 10 -26.89 -5.21 -18.47
C ILE A 10 -27.04 -4.71 -19.92
N LYS A 11 -28.21 -4.17 -20.25
CA LYS A 11 -28.47 -3.69 -21.60
C LYS A 11 -27.36 -2.75 -22.06
N GLN A 12 -27.08 -1.70 -21.28
CA GLN A 12 -25.95 -0.82 -21.55
C GLN A 12 -24.70 -1.63 -21.74
N PHE A 13 -24.39 -2.48 -20.75
CA PHE A 13 -23.14 -3.26 -20.79
C PHE A 13 -23.02 -4.17 -22.02
N HIS A 14 -24.09 -4.87 -22.35
CA HIS A 14 -24.13 -5.66 -23.58
C HIS A 14 -23.77 -4.88 -24.83
N SER A 15 -24.29 -3.66 -24.94
CA SER A 15 -24.03 -2.88 -26.13
C SER A 15 -22.52 -2.59 -26.19
N ILE A 16 -21.99 -2.10 -25.08
CA ILE A 16 -20.54 -1.87 -24.95
C ILE A 16 -19.78 -3.13 -25.36
N ARG A 17 -20.12 -4.24 -24.71
CA ARG A 17 -19.40 -5.48 -24.88
C ARG A 17 -19.38 -5.99 -26.30
N ASN A 18 -20.47 -5.77 -27.03
CA ASN A 18 -20.53 -6.33 -28.37
C ASN A 18 -19.93 -5.37 -29.39
N SER A 19 -19.40 -4.25 -28.89
CA SER A 19 -18.61 -3.30 -29.65
C SER A 19 -17.14 -3.68 -29.90
N LEU A 20 -16.61 -4.71 -29.22
CA LEU A 20 -15.14 -4.96 -29.23
C LEU A 20 -14.73 -6.14 -30.11
N ILE A 21 -13.53 -6.10 -30.71
CA ILE A 21 -13.19 -7.21 -31.59
C ILE A 21 -12.56 -8.36 -30.81
N LYS A 22 -12.36 -9.49 -31.49
CA LYS A 22 -11.87 -10.66 -30.81
C LYS A 22 -10.37 -10.65 -30.95
N GLN A 23 -9.93 -9.77 -31.83
CA GLN A 23 -8.52 -9.66 -32.12
C GLN A 23 -7.83 -8.99 -30.93
N GLN A 24 -8.62 -8.58 -29.94
CA GLN A 24 -8.08 -7.83 -28.81
C GLN A 24 -8.46 -8.21 -27.36
N LYS A 25 -7.59 -7.85 -26.43
CA LYS A 25 -7.55 -8.44 -25.10
C LYS A 25 -8.35 -7.71 -24.04
N ILE A 26 -9.29 -8.44 -23.44
CA ILE A 26 -10.15 -7.90 -22.42
C ILE A 26 -9.84 -8.50 -21.06
N GLY A 27 -9.41 -7.63 -20.15
CA GLY A 27 -9.21 -8.06 -18.79
C GLY A 27 -10.42 -7.73 -17.95
N PHE A 28 -10.64 -8.52 -16.91
CA PHE A 28 -11.78 -8.31 -16.06
C PHE A 28 -11.35 -8.40 -14.61
N VAL A 29 -11.58 -7.35 -13.83
CA VAL A 29 -11.47 -7.47 -12.39
C VAL A 29 -12.81 -7.29 -11.66
N PRO A 30 -13.43 -8.39 -11.18
CA PRO A 30 -14.64 -8.24 -10.35
C PRO A 30 -14.38 -7.82 -8.87
N THR A 31 -15.28 -7.00 -8.32
CA THR A 31 -15.21 -6.55 -6.93
C THR A 31 -16.58 -6.24 -6.37
N MSE A 32 -16.64 -6.15 -5.05
CA MSE A 32 -17.77 -5.62 -4.30
C MSE A 32 -17.60 -4.13 -3.97
O MSE A 32 -18.25 -3.60 -3.06
CB MSE A 32 -18.03 -6.46 -3.08
CG MSE A 32 -17.89 -7.94 -3.43
SE MSE A 32 -19.08 -9.12 -2.41
CE MSE A 32 -18.57 -8.53 -0.62
N GLY A 33 -16.60 -3.48 -4.55
CA GLY A 33 -16.44 -2.04 -4.40
C GLY A 33 -15.77 -1.68 -3.08
N ALA A 34 -15.91 -0.44 -2.63
CA ALA A 34 -15.15 0.02 -1.48
C ALA A 34 -13.68 -0.26 -1.75
N LEU A 35 -13.18 0.27 -2.85
CA LEU A 35 -11.88 -0.11 -3.38
C LEU A 35 -10.68 0.36 -2.57
N HIS A 36 -9.73 -0.55 -2.41
CA HIS A 36 -8.49 -0.28 -1.70
C HIS A 36 -7.30 -0.69 -2.54
N ASN A 37 -6.11 -0.52 -1.96
CA ASN A 37 -4.86 -0.80 -2.65
C ASN A 37 -4.77 -2.24 -3.18
N GLY A 38 -5.34 -3.20 -2.48
CA GLY A 38 -5.44 -4.54 -3.04
C GLY A 38 -6.18 -4.59 -4.38
N HIS A 39 -7.42 -4.08 -4.40
CA HIS A 39 -8.14 -3.95 -5.66
C HIS A 39 -7.19 -3.31 -6.66
N ILE A 40 -6.75 -2.10 -6.36
CA ILE A 40 -5.95 -1.33 -7.29
C ILE A 40 -4.79 -2.12 -7.90
N SER A 41 -4.19 -3.03 -7.15
CA SER A 41 -3.10 -3.81 -7.71
C SER A 41 -3.58 -4.71 -8.83
N LEU A 42 -4.69 -5.39 -8.63
CA LEU A 42 -5.27 -6.21 -9.67
C LEU A 42 -5.55 -5.37 -10.92
N ILE A 43 -6.09 -4.18 -10.74
CA ILE A 43 -6.42 -3.35 -11.88
C ILE A 43 -5.15 -3.00 -12.63
N LYS A 44 -4.18 -2.46 -11.92
CA LYS A 44 -2.94 -2.07 -12.57
C LYS A 44 -2.42 -3.21 -13.43
N LYS A 45 -2.34 -4.39 -12.85
CA LYS A 45 -1.78 -5.53 -13.57
C LYS A 45 -2.63 -5.81 -14.81
N ALA A 46 -3.95 -5.73 -14.64
CA ALA A 46 -4.83 -5.89 -15.76
C ALA A 46 -4.45 -4.86 -16.83
N LYS A 47 -4.34 -3.59 -16.42
CA LYS A 47 -4.00 -2.55 -17.40
C LYS A 47 -2.67 -2.78 -18.12
N SER A 48 -1.72 -3.43 -17.44
CA SER A 48 -0.43 -3.79 -18.07
C SER A 48 -0.55 -4.91 -19.10
N GLU A 49 -1.45 -5.86 -18.86
CA GLU A 49 -1.58 -7.01 -19.73
C GLU A 49 -2.67 -6.96 -20.81
N ASN A 50 -3.50 -5.90 -20.86
CA ASN A 50 -4.69 -5.91 -21.71
C ASN A 50 -5.01 -4.61 -22.41
N ASP A 51 -5.78 -4.73 -23.48
CA ASP A 51 -6.23 -3.58 -24.25
C ASP A 51 -7.44 -2.91 -23.65
N VAL A 52 -8.35 -3.70 -23.11
CA VAL A 52 -9.54 -3.15 -22.45
C VAL A 52 -9.68 -3.73 -21.05
N VAL A 53 -9.88 -2.86 -20.06
CA VAL A 53 -10.09 -3.33 -18.70
C VAL A 53 -11.51 -3.05 -18.20
N ILE A 54 -12.19 -4.13 -17.83
CA ILE A 54 -13.52 -4.00 -17.25
C ILE A 54 -13.44 -4.28 -15.74
N VAL A 55 -13.97 -3.35 -14.96
CA VAL A 55 -14.18 -3.60 -13.55
C VAL A 55 -15.69 -3.65 -13.23
N SER A 56 -16.09 -4.66 -12.48
CA SER A 56 -17.46 -4.72 -12.00
C SER A 56 -17.49 -4.42 -10.49
N ILE A 57 -18.56 -3.76 -10.07
CA ILE A 57 -18.83 -3.58 -8.67
C ILE A 57 -20.23 -4.06 -8.42
N PHE A 58 -20.32 -5.18 -7.71
CA PHE A 58 -21.59 -5.75 -7.25
C PHE A 58 -21.42 -6.38 -5.89
N VAL A 59 -22.25 -6.00 -4.94
CA VAL A 59 -22.20 -6.70 -3.67
C VAL A 59 -23.23 -7.78 -3.83
N ASN A 60 -22.75 -9.02 -3.95
CA ASN A 60 -23.65 -10.12 -4.22
C ASN A 60 -24.28 -10.59 -2.94
N PRO A 61 -25.59 -10.39 -2.84
CA PRO A 61 -26.37 -10.89 -1.70
C PRO A 61 -26.22 -12.40 -1.41
N THR A 62 -26.18 -13.24 -2.44
CA THR A 62 -26.33 -14.68 -2.22
C THR A 62 -25.07 -15.31 -1.62
N GLN A 63 -23.99 -14.56 -1.59
CA GLN A 63 -22.78 -15.08 -0.96
C GLN A 63 -22.56 -14.58 0.45
N PHE A 64 -23.49 -13.76 0.95
CA PHE A 64 -23.42 -13.39 2.35
C PHE A 64 -24.30 -14.30 3.18
N ASN A 65 -23.66 -15.17 3.97
CA ASN A 65 -24.38 -16.07 4.88
C ASN A 65 -24.85 -15.29 6.12
N ASN A 66 -24.18 -14.18 6.39
CA ASN A 66 -24.52 -13.30 7.50
C ASN A 66 -25.27 -12.02 7.05
N PRO A 67 -26.56 -11.90 7.38
CA PRO A 67 -27.34 -10.78 6.87
C PRO A 67 -26.82 -9.44 7.39
N ASN A 68 -26.43 -9.41 8.67
CA ASN A 68 -25.93 -8.16 9.25
C ASN A 68 -24.62 -7.77 8.55
N ASP A 69 -23.85 -8.77 8.13
CA ASP A 69 -22.68 -8.52 7.33
C ASP A 69 -23.12 -7.80 6.06
N TYR A 70 -24.11 -8.34 5.37
CA TYR A 70 -24.64 -7.71 4.17
C TYR A 70 -25.00 -6.22 4.35
N GLN A 71 -25.76 -5.90 5.39
CA GLN A 71 -26.12 -4.49 5.59
C GLN A 71 -24.90 -3.68 6.01
N THR A 72 -24.04 -4.30 6.83
CA THR A 72 -22.80 -3.67 7.35
C THR A 72 -21.77 -3.35 6.28
N TYR A 73 -21.89 -3.98 5.11
CA TYR A 73 -20.86 -3.92 4.08
C TYR A 73 -20.62 -2.53 3.51
N PRO A 74 -19.34 -2.09 3.51
CA PRO A 74 -19.11 -0.72 3.08
C PRO A 74 -19.36 -0.54 1.60
N ASN A 75 -20.02 0.57 1.29
CA ASN A 75 -20.13 1.09 -0.07
C ASN A 75 -19.81 2.58 -0.16
N GLN A 76 -18.85 2.96 -0.98
CA GLN A 76 -18.81 4.34 -1.44
C GLN A 76 -18.65 4.35 -2.94
N LEU A 77 -19.72 4.56 -3.68
CA LEU A 77 -19.58 4.33 -5.10
C LEU A 77 -18.94 5.56 -5.75
N GLN A 78 -19.29 6.74 -5.28
N GLN A 78 -19.34 6.72 -5.27
CA GLN A 78 -18.83 7.93 -5.95
CA GLN A 78 -18.87 7.97 -5.85
C GLN A 78 -17.32 8.02 -5.84
C GLN A 78 -17.36 7.96 -5.85
N GLN A 79 -16.78 7.61 -4.69
CA GLN A 79 -15.34 7.51 -4.53
C GLN A 79 -14.71 6.40 -5.41
N ASP A 80 -15.32 5.20 -5.42
CA ASP A 80 -14.86 4.09 -6.25
C ASP A 80 -14.77 4.45 -7.73
N ILE A 81 -15.73 5.25 -8.18
CA ILE A 81 -15.74 5.73 -9.54
C ILE A 81 -14.54 6.65 -9.75
N GLN A 82 -14.31 7.52 -8.78
CA GLN A 82 -13.17 8.41 -8.89
C GLN A 82 -11.87 7.63 -8.84
N ILE A 83 -11.79 6.66 -7.93
CA ILE A 83 -10.61 5.82 -7.92
C ILE A 83 -10.46 5.12 -9.27
N LEU A 84 -11.54 4.53 -9.75
CA LEU A 84 -11.53 3.81 -11.02
C LEU A 84 -11.19 4.67 -12.25
N ALA A 85 -11.76 5.87 -12.34
CA ALA A 85 -11.40 6.77 -13.43
C ALA A 85 -9.95 7.31 -13.36
N SER A 86 -9.37 7.45 -12.17
CA SER A 86 -7.95 7.81 -12.09
C SER A 86 -6.98 6.68 -12.50
N LEU A 87 -7.45 5.43 -12.55
CA LEU A 87 -6.64 4.35 -13.14
C LEU A 87 -6.89 4.17 -14.67
N ASP A 88 -7.76 5.01 -15.24
CA ASP A 88 -8.10 4.92 -16.66
C ASP A 88 -8.69 3.55 -17.01
N VAL A 89 -9.62 3.11 -16.15
CA VAL A 89 -10.41 1.88 -16.37
C VAL A 89 -11.39 2.19 -17.47
N ASP A 90 -11.57 1.24 -18.37
CA ASP A 90 -12.39 1.49 -19.54
C ASP A 90 -13.89 1.41 -19.29
N VAL A 91 -14.32 0.39 -18.55
CA VAL A 91 -15.74 0.18 -18.30
C VAL A 91 -15.98 -0.26 -16.88
N LEU A 92 -16.88 0.45 -16.22
CA LEU A 92 -17.38 0.00 -14.93
C LEU A 92 -18.77 -0.62 -15.12
N PHE A 93 -18.83 -1.94 -14.92
CA PHE A 93 -20.09 -2.65 -14.86
C PHE A 93 -20.60 -2.62 -13.42
N ASN A 94 -21.79 -2.07 -13.23
CA ASN A 94 -22.29 -1.88 -11.88
C ASN A 94 -23.80 -2.18 -11.76
N PRO A 95 -24.16 -3.42 -12.00
CA PRO A 95 -25.59 -3.74 -12.06
C PRO A 95 -26.28 -3.76 -10.71
N SER A 96 -27.60 -3.98 -10.73
CA SER A 96 -28.34 -4.19 -9.50
C SER A 96 -28.65 -5.66 -9.37
N GLU A 97 -29.22 -6.05 -8.23
CA GLU A 97 -29.53 -7.45 -7.95
C GLU A 97 -30.51 -7.92 -9.02
N LYS A 98 -31.51 -7.09 -9.28
CA LYS A 98 -32.50 -7.34 -10.31
C LYS A 98 -31.93 -7.67 -11.70
N ASP A 99 -30.80 -7.07 -12.10
CA ASP A 99 -30.19 -7.45 -13.38
C ASP A 99 -29.36 -8.74 -13.32
N ILE A 100 -28.83 -9.07 -12.16
CA ILE A 100 -28.08 -10.32 -12.07
C ILE A 100 -29.00 -11.53 -11.86
N TYR A 101 -30.11 -11.30 -11.19
CA TYR A 101 -31.03 -12.33 -10.76
C TYR A 101 -32.45 -11.94 -11.07
N PRO A 102 -32.80 -11.76 -12.34
CA PRO A 102 -34.14 -11.32 -12.75
C PRO A 102 -35.26 -12.13 -12.06
N ASP A 103 -35.04 -13.42 -11.92
CA ASP A 103 -35.95 -14.33 -11.26
C ASP A 103 -35.64 -14.71 -9.80
N GLY A 104 -34.62 -14.10 -9.21
CA GLY A 104 -34.25 -14.50 -7.87
C GLY A 104 -33.20 -15.58 -8.06
N ASN A 105 -32.75 -16.24 -7.01
CA ASN A 105 -31.71 -17.19 -7.26
C ASN A 105 -32.35 -18.58 -7.33
N LEU A 106 -32.67 -19.02 -8.55
CA LEU A 106 -33.28 -20.33 -8.78
C LEU A 106 -32.37 -21.42 -9.27
N LEU A 107 -31.20 -21.03 -9.75
CA LEU A 107 -30.25 -21.97 -10.30
C LEU A 107 -28.90 -21.58 -9.74
N ARG A 108 -28.25 -22.52 -9.05
CA ARG A 108 -27.08 -22.20 -8.27
C ARG A 108 -26.04 -23.24 -8.54
N ILE A 109 -24.77 -22.80 -8.46
CA ILE A 109 -23.64 -23.70 -8.47
C ILE A 109 -23.47 -24.21 -7.06
N GLU A 110 -23.52 -25.52 -6.90
N GLU A 110 -23.53 -25.53 -6.90
CA GLU A 110 -23.26 -26.11 -5.60
CA GLU A 110 -23.25 -26.09 -5.59
C GLU A 110 -22.00 -26.95 -5.69
C GLU A 110 -21.99 -26.94 -5.69
N PRO A 111 -20.91 -26.50 -5.02
CA PRO A 111 -19.65 -27.25 -5.00
C PRO A 111 -19.71 -28.48 -4.12
N LYS A 112 -19.29 -29.64 -4.62
CA LYS A 112 -18.97 -30.75 -3.75
C LYS A 112 -17.53 -31.15 -4.03
N LEU A 113 -16.64 -30.79 -3.11
CA LEU A 113 -15.21 -31.06 -3.20
C LEU A 113 -14.77 -30.96 -1.80
N GLU A 114 -13.59 -31.50 -1.50
CA GLU A 114 -13.05 -31.31 -0.17
C GLU A 114 -12.76 -29.84 0.12
N ILE A 115 -12.01 -29.19 -0.77
CA ILE A 115 -11.56 -27.82 -0.53
C ILE A 115 -12.74 -26.87 -0.28
N ALA A 116 -13.94 -27.29 -0.65
CA ALA A 116 -15.14 -26.55 -0.37
C ALA A 116 -15.74 -26.73 1.04
N ASN A 117 -15.42 -27.83 1.72
CA ASN A 117 -15.99 -28.10 3.06
C ASN A 117 -15.14 -27.63 4.24
N ILE A 118 -14.01 -27.01 3.94
CA ILE A 118 -13.06 -26.60 4.96
C ILE A 118 -12.86 -25.10 4.99
N LEU A 119 -12.28 -24.65 6.09
CA LEU A 119 -11.85 -23.28 6.20
C LEU A 119 -13.05 -22.39 5.95
N GLU A 120 -12.92 -21.47 5.00
CA GLU A 120 -14.00 -20.57 4.64
C GLU A 120 -15.33 -21.30 4.31
N GLY A 121 -15.24 -22.49 3.72
CA GLY A 121 -16.41 -23.25 3.33
C GLY A 121 -17.24 -23.79 4.50
N LYS A 122 -16.56 -24.27 5.54
CA LYS A 122 -17.21 -24.67 6.79
C LYS A 122 -17.73 -23.44 7.54
N SER A 123 -16.88 -22.42 7.66
CA SER A 123 -17.22 -21.15 8.32
C SER A 123 -18.39 -20.34 7.75
N ARG A 124 -18.44 -20.18 6.44
CA ARG A 124 -19.58 -19.47 5.86
C ARG A 124 -20.36 -20.47 5.02
N PRO A 125 -21.49 -20.95 5.55
CA PRO A 125 -22.21 -21.97 4.77
C PRO A 125 -22.93 -21.28 3.63
N GLY A 126 -22.93 -21.88 2.44
CA GLY A 126 -23.52 -21.27 1.27
C GLY A 126 -22.77 -20.09 0.64
N HIS A 127 -21.72 -19.60 1.29
CA HIS A 127 -21.00 -18.50 0.73
C HIS A 127 -20.47 -18.88 -0.68
N PHE A 128 -19.76 -20.00 -0.75
CA PHE A 128 -19.17 -20.51 -2.02
C PHE A 128 -20.18 -20.75 -3.16
N SER A 129 -21.32 -21.33 -2.83
CA SER A 129 -22.38 -21.48 -3.81
C SER A 129 -22.66 -20.12 -4.47
N GLY A 130 -22.82 -19.10 -3.62
CA GLY A 130 -23.26 -17.80 -4.08
C GLY A 130 -22.20 -17.10 -4.92
N MSE A 131 -20.98 -17.20 -4.45
CA MSE A 131 -19.88 -16.58 -5.15
C MSE A 131 -19.67 -17.28 -6.48
O MSE A 131 -19.39 -16.63 -7.49
CB MSE A 131 -18.62 -16.57 -4.28
CG MSE A 131 -17.38 -16.09 -5.00
SE MSE A 131 -16.54 -17.56 -6.00
CE MSE A 131 -16.11 -18.77 -4.54
N LEU A 132 -19.83 -18.60 -6.48
CA LEU A 132 -19.67 -19.35 -7.71
C LEU A 132 -20.80 -19.05 -8.69
N THR A 133 -22.00 -18.86 -8.17
CA THR A 133 -23.11 -18.53 -9.03
C THR A 133 -22.88 -17.14 -9.66
N VAL A 134 -22.55 -16.14 -8.84
CA VAL A 134 -22.39 -14.82 -9.41
C VAL A 134 -21.18 -14.76 -10.38
N VAL A 135 -20.08 -15.45 -10.03
CA VAL A 135 -18.87 -15.34 -10.83
C VAL A 135 -19.08 -16.00 -12.16
N LEU A 136 -19.87 -17.06 -12.18
CA LEU A 136 -20.26 -17.64 -13.45
C LEU A 136 -21.03 -16.63 -14.26
N LYS A 137 -22.06 -16.04 -13.65
CA LYS A 137 -22.88 -15.04 -14.38
C LYS A 137 -22.05 -13.87 -14.86
N LEU A 138 -21.12 -13.41 -14.02
CA LEU A 138 -20.29 -12.28 -14.43
C LEU A 138 -19.42 -12.66 -15.61
N LEU A 139 -18.94 -13.89 -15.65
CA LEU A 139 -18.05 -14.28 -16.71
C LEU A 139 -18.78 -14.41 -18.00
N GLN A 140 -19.99 -14.92 -17.91
CA GLN A 140 -20.85 -15.10 -19.05
C GLN A 140 -21.17 -13.75 -19.68
N ILE A 141 -21.42 -12.77 -18.84
CA ILE A 141 -21.74 -11.43 -19.31
C ILE A 141 -20.53 -10.69 -19.90
N THR A 142 -19.40 -10.72 -19.19
CA THR A 142 -18.21 -9.95 -19.59
C THR A 142 -17.35 -10.63 -20.65
N LYS A 143 -17.48 -11.94 -20.78
CA LYS A 143 -16.70 -12.71 -21.74
C LYS A 143 -15.24 -12.26 -21.88
N PRO A 144 -14.49 -12.16 -20.77
CA PRO A 144 -13.10 -11.66 -20.84
C PRO A 144 -12.09 -12.65 -21.41
N ASN A 145 -10.94 -12.13 -21.84
CA ASN A 145 -9.76 -12.94 -22.13
C ASN A 145 -9.03 -13.32 -20.87
N ASN A 146 -8.89 -12.32 -19.98
CA ASN A 146 -8.13 -12.45 -18.73
C ASN A 146 -8.94 -12.01 -17.55
N LEU A 147 -8.79 -12.74 -16.47
CA LEU A 147 -9.49 -12.43 -15.22
C LEU A 147 -8.49 -12.38 -14.06
N TYR A 148 -8.63 -11.38 -13.19
CA TYR A 148 -7.66 -11.14 -12.10
C TYR A 148 -8.23 -11.32 -10.73
N LEU A 149 -7.57 -12.13 -9.94
CA LEU A 149 -8.04 -12.53 -8.62
C LEU A 149 -6.91 -12.40 -7.60
N GLY A 150 -7.27 -12.01 -6.38
CA GLY A 150 -6.34 -11.97 -5.25
C GLY A 150 -6.09 -13.33 -4.62
N GLU A 151 -4.83 -13.56 -4.25
CA GLU A 151 -4.43 -14.76 -3.54
C GLU A 151 -5.10 -14.79 -2.17
N LYS A 152 -5.49 -13.62 -1.71
CA LYS A 152 -6.06 -13.47 -0.38
C LYS A 152 -7.13 -14.53 -0.14
N ASP A 153 -8.04 -14.68 -1.08
CA ASP A 153 -9.07 -15.65 -0.89
C ASP A 153 -8.64 -16.83 -1.72
N TYR A 154 -8.08 -17.82 -1.04
CA TYR A 154 -7.27 -18.79 -1.72
C TYR A 154 -8.21 -19.81 -2.37
N GLN A 155 -9.20 -20.23 -1.59
CA GLN A 155 -10.07 -21.29 -1.99
C GLN A 155 -10.96 -20.71 -3.07
N GLN A 156 -11.30 -19.42 -2.94
CA GLN A 156 -12.01 -18.72 -3.99
C GLN A 156 -11.31 -18.93 -5.32
N VAL A 157 -10.00 -18.69 -5.34
CA VAL A 157 -9.24 -18.92 -6.55
C VAL A 157 -9.29 -20.36 -7.05
N MSE A 158 -9.08 -21.34 -6.19
N MSE A 158 -9.06 -21.32 -6.17
CA MSE A 158 -9.14 -22.72 -6.67
CA MSE A 158 -9.17 -22.73 -6.58
C MSE A 158 -10.56 -23.12 -7.12
C MSE A 158 -10.55 -22.97 -7.18
O MSE A 158 -10.72 -23.86 -8.08
O MSE A 158 -10.67 -23.43 -8.31
CB MSE A 158 -8.56 -23.71 -5.66
CB MSE A 158 -8.91 -23.67 -5.41
CG MSE A 158 -7.12 -23.38 -5.19
CG MSE A 158 -7.43 -23.75 -5.00
SE MSE A 158 -5.59 -23.91 -6.30
SE MSE A 158 -7.14 -24.54 -3.21
CE MSE A 158 -5.38 -22.31 -7.37
CE MSE A 158 -7.34 -26.41 -3.73
N LEU A 159 -11.59 -22.61 -6.43
CA LEU A 159 -12.98 -22.83 -6.85
C LEU A 159 -13.32 -22.19 -8.22
N ILE A 160 -12.83 -21.00 -8.46
CA ILE A 160 -13.05 -20.31 -9.72
C ILE A 160 -12.23 -20.98 -10.83
N LYS A 161 -11.05 -21.48 -10.49
CA LYS A 161 -10.24 -22.22 -11.45
C LYS A 161 -10.96 -23.48 -11.94
N GLN A 162 -11.52 -24.27 -11.01
CA GLN A 162 -12.31 -25.42 -11.37
C GLN A 162 -13.52 -25.00 -12.20
N LEU A 163 -14.18 -23.93 -11.78
CA LEU A 163 -15.37 -23.44 -12.45
C LEU A 163 -15.14 -23.15 -13.92
N VAL A 164 -14.11 -22.39 -14.24
CA VAL A 164 -13.88 -22.02 -15.63
C VAL A 164 -13.46 -23.23 -16.48
N LYS A 165 -12.73 -24.15 -15.87
CA LYS A 165 -12.41 -25.40 -16.50
C LYS A 165 -13.70 -26.19 -16.80
N ASP A 166 -14.47 -26.48 -15.78
CA ASP A 166 -15.62 -27.39 -15.86
C ASP A 166 -16.74 -26.92 -16.84
N PHE A 167 -16.85 -25.61 -16.94
CA PHE A 167 -17.79 -24.91 -17.77
C PHE A 167 -17.30 -24.38 -19.09
N PHE A 168 -16.08 -24.78 -19.44
CA PHE A 168 -15.54 -24.51 -20.77
C PHE A 168 -15.55 -23.03 -21.14
N ILE A 169 -15.17 -22.21 -20.17
CA ILE A 169 -15.10 -20.76 -20.31
C ILE A 169 -13.66 -20.42 -20.70
N ASN A 170 -13.47 -19.71 -21.81
CA ASN A 170 -12.11 -19.56 -22.26
C ASN A 170 -11.58 -18.26 -21.67
N THR A 171 -10.85 -18.40 -20.57
CA THR A 171 -10.32 -17.25 -19.88
C THR A 171 -9.07 -17.66 -19.12
N LYS A 172 -8.05 -16.83 -19.16
CA LYS A 172 -6.91 -17.06 -18.31
C LYS A 172 -7.22 -16.48 -16.93
N ILE A 173 -6.84 -17.20 -15.89
CA ILE A 173 -6.92 -16.65 -14.56
C ILE A 173 -5.53 -16.25 -14.09
N ILE A 174 -5.35 -14.96 -13.79
CA ILE A 174 -4.16 -14.44 -13.16
C ILE A 174 -4.39 -14.17 -11.67
N VAL A 175 -3.59 -14.83 -10.82
CA VAL A 175 -3.66 -14.69 -9.36
C VAL A 175 -2.63 -13.69 -8.88
N CYS A 176 -3.12 -12.60 -8.30
CA CYS A 176 -2.25 -11.55 -7.77
C CYS A 176 -1.95 -11.74 -6.30
N PRO A 177 -0.71 -11.42 -5.91
CA PRO A 177 -0.21 -11.48 -4.52
C PRO A 177 -1.01 -10.58 -3.58
N THR A 178 -1.18 -11.00 -2.34
CA THR A 178 -1.91 -10.18 -1.37
C THR A 178 -1.15 -8.89 -0.92
N GLN A 179 -1.83 -7.76 -1.08
CA GLN A 179 -1.33 -6.48 -0.63
C GLN A 179 -1.57 -6.33 0.87
N ARG A 180 -0.53 -5.89 1.59
CA ARG A 180 -0.62 -5.72 3.05
C ARG A 180 -0.18 -4.36 3.52
N GLN A 181 -0.61 -4.02 4.73
CA GLN A 181 -0.06 -2.92 5.49
C GLN A 181 1.34 -3.32 5.96
N PRO A 182 2.16 -2.34 6.37
CA PRO A 182 3.46 -2.65 6.99
C PRO A 182 3.43 -3.73 8.09
N SER A 183 2.42 -3.69 8.97
CA SER A 183 2.17 -4.74 9.98
C SER A 183 2.08 -6.16 9.40
N GLY A 184 1.69 -6.24 8.15
CA GLY A 184 1.43 -7.53 7.56
C GLY A 184 -0.07 -7.74 7.40
N LEU A 185 -0.86 -6.82 7.95
CA LEU A 185 -2.30 -6.97 7.89
C LEU A 185 -2.79 -6.75 6.46
N PRO A 186 -3.50 -7.75 5.88
CA PRO A 186 -3.96 -7.67 4.49
C PRO A 186 -5.03 -6.61 4.36
N LEU A 187 -4.95 -5.81 3.30
CA LEU A 187 -6.03 -4.86 2.98
C LEU A 187 -7.37 -5.57 2.79
N SER A 188 -8.42 -5.03 3.39
CA SER A 188 -9.77 -5.58 3.29
C SER A 188 -10.78 -4.45 3.41
N SER A 189 -11.85 -4.57 2.64
CA SER A 189 -12.89 -3.55 2.64
C SER A 189 -13.56 -3.42 4.01
N ARG A 190 -13.66 -4.55 4.68
CA ARG A 190 -14.32 -4.62 5.98
C ARG A 190 -13.44 -4.02 7.07
N ASN A 191 -12.22 -3.68 6.69
CA ASN A 191 -11.33 -3.00 7.61
C ASN A 191 -11.77 -1.57 7.87
N LYS A 192 -12.68 -1.07 7.02
CA LYS A 192 -13.24 0.26 7.18
C LYS A 192 -14.16 0.25 8.34
N ASN A 193 -14.67 -0.92 8.66
CA ASN A 193 -15.67 -1.01 9.70
C ASN A 193 -15.07 -1.14 11.09
N LEU A 194 -13.76 -1.22 11.16
CA LEU A 194 -13.15 -1.43 12.46
C LEU A 194 -12.66 -0.14 13.10
N THR A 195 -12.93 -0.06 14.40
CA THR A 195 -12.56 1.09 15.20
C THR A 195 -11.08 1.12 15.45
N SER A 196 -10.64 2.31 15.83
CA SER A 196 -9.29 2.57 16.26
C SER A 196 -8.86 1.51 17.27
N THR A 197 -9.74 1.17 18.21
CA THR A 197 -9.40 0.17 19.22
C THR A 197 -9.07 -1.16 18.54
N ASP A 198 -9.82 -1.48 17.49
N ASP A 198 -9.86 -1.48 17.53
CA ASP A 198 -9.65 -2.75 16.81
CA ASP A 198 -9.72 -2.71 16.76
C ASP A 198 -8.35 -2.84 16.03
C ASP A 198 -8.36 -2.79 16.08
N ILE A 199 -8.03 -1.77 15.30
CA ILE A 199 -6.79 -1.73 14.54
C ILE A 199 -5.59 -1.97 15.44
N GLU A 200 -5.71 -1.54 16.69
CA GLU A 200 -4.65 -1.75 17.67
C GLU A 200 -4.44 -3.25 17.84
N ILE A 201 -5.55 -3.91 18.20
CA ILE A 201 -5.62 -5.36 18.33
C ILE A 201 -5.12 -6.05 17.08
N ALA A 202 -5.69 -5.64 15.96
CA ALA A 202 -5.30 -6.20 14.67
C ALA A 202 -3.80 -6.14 14.50
N ASN A 203 -3.22 -4.97 14.74
CA ASN A 203 -1.79 -4.83 14.56
C ASN A 203 -1.01 -5.69 15.57
N LYS A 204 -1.60 -5.89 16.76
CA LYS A 204 -1.03 -6.75 17.79
C LYS A 204 -0.95 -8.19 17.30
N ILE A 205 -2.07 -8.66 16.76
CA ILE A 205 -2.17 -9.97 16.16
C ILE A 205 -1.01 -10.16 15.19
N TYR A 206 -0.81 -9.18 14.32
CA TYR A 206 0.23 -9.31 13.30
C TYR A 206 1.65 -9.23 13.85
N GLU A 207 1.85 -8.46 14.91
CA GLU A 207 3.08 -8.57 15.67
C GLU A 207 3.28 -10.04 16.01
N ILE A 208 2.28 -10.64 16.64
CA ILE A 208 2.37 -12.06 16.98
C ILE A 208 2.68 -12.94 15.76
N LEU A 209 1.86 -12.84 14.74
CA LEU A 209 2.11 -13.64 13.55
C LEU A 209 3.52 -13.41 12.92
N ARG A 210 3.97 -12.16 12.88
CA ARG A 210 5.22 -11.81 12.18
C ARG A 210 6.42 -12.66 12.62
N GLN A 211 6.64 -12.77 13.93
CA GLN A 211 7.52 -13.84 14.41
C GLN A 211 6.74 -14.82 15.24
N ASP A 212 6.53 -16.00 14.67
CA ASP A 212 5.95 -17.11 15.37
C ASP A 212 6.38 -18.32 14.59
N ASP A 213 6.40 -19.48 15.24
CA ASP A 213 6.87 -20.70 14.61
C ASP A 213 5.82 -21.38 13.73
N PHE A 214 4.56 -21.37 14.19
CA PHE A 214 3.48 -22.13 13.54
C PHE A 214 3.64 -23.60 13.87
N SER A 215 4.72 -23.88 14.60
CA SER A 215 4.98 -25.17 15.19
C SER A 215 3.82 -25.59 16.08
N ASN A 216 3.50 -24.75 17.07
N ASN A 216 3.50 -24.75 17.06
CA ASN A 216 2.39 -25.06 17.96
CA ASN A 216 2.40 -25.00 17.99
C ASN A 216 1.21 -24.13 17.72
C ASN A 216 1.22 -24.11 17.66
N LEU A 217 0.17 -24.71 17.11
CA LEU A 217 -1.01 -23.97 16.70
C LEU A 217 -2.00 -23.65 17.82
N GLU A 218 -2.10 -24.54 18.80
CA GLU A 218 -3.02 -24.35 19.93
C GLU A 218 -2.56 -23.22 20.84
N GLU A 219 -1.24 -22.99 20.87
CA GLU A 219 -0.66 -21.95 21.70
C GLU A 219 -0.95 -20.60 21.06
N LEU A 220 -0.84 -20.56 19.73
CA LEU A 220 -1.01 -19.34 18.99
C LEU A 220 -2.44 -18.84 19.12
N THR A 221 -3.39 -19.77 19.01
CA THR A 221 -4.80 -19.46 19.14
C THR A 221 -5.01 -18.75 20.44
N ASN A 222 -4.47 -19.35 21.50
CA ASN A 222 -4.52 -18.76 22.82
C ASN A 222 -3.98 -17.32 22.81
N LYS A 223 -2.78 -17.09 22.27
CA LYS A 223 -2.29 -15.70 22.14
C LYS A 223 -3.33 -14.82 21.44
N ILE A 224 -3.74 -15.24 20.27
CA ILE A 224 -4.61 -14.40 19.46
C ILE A 224 -5.93 -14.12 20.15
N ASN A 225 -6.50 -15.17 20.74
CA ASN A 225 -7.75 -15.02 21.48
C ASN A 225 -7.63 -14.09 22.67
N SER A 226 -6.40 -13.91 23.14
CA SER A 226 -6.13 -13.12 24.33
C SER A 226 -6.19 -11.62 24.03
N THR A 227 -5.89 -11.26 22.78
CA THR A 227 -5.91 -9.86 22.36
C THR A 227 -7.34 -9.30 22.26
N GLY A 228 -8.34 -10.16 22.40
CA GLY A 228 -9.73 -9.75 22.34
C GLY A 228 -10.48 -10.16 21.09
N ALA A 229 -9.73 -10.47 20.04
CA ALA A 229 -10.33 -11.05 18.84
C ALA A 229 -10.71 -12.51 19.11
N LYS A 230 -11.69 -13.02 18.37
CA LYS A 230 -12.05 -14.44 18.45
C LYS A 230 -11.44 -15.16 17.27
N LEU A 231 -10.42 -15.99 17.52
CA LEU A 231 -9.85 -16.76 16.44
C LEU A 231 -10.83 -17.86 16.04
N GLN A 232 -11.19 -17.87 14.77
CA GLN A 232 -12.24 -18.74 14.25
C GLN A 232 -11.66 -20.09 13.78
N TYR A 233 -10.79 -20.07 12.79
CA TYR A 233 -10.00 -21.25 12.48
C TYR A 233 -8.56 -20.82 12.22
N ILE A 234 -7.62 -21.71 12.48
CA ILE A 234 -6.26 -21.56 12.02
C ILE A 234 -5.79 -22.97 11.69
N GLN A 235 -5.07 -23.13 10.59
CA GLN A 235 -4.74 -24.47 10.10
C GLN A 235 -3.54 -24.45 9.18
N LYS A 236 -2.90 -25.60 9.02
CA LYS A 236 -1.81 -25.71 8.07
C LYS A 236 -2.23 -26.56 6.87
N LEU A 237 -1.97 -26.05 5.66
CA LEU A 237 -2.09 -26.83 4.42
C LEU A 237 -0.86 -26.71 3.54
N ASN A 238 -0.13 -27.81 3.38
CA ASN A 238 1.13 -27.76 2.65
C ASN A 238 1.99 -26.73 3.38
N ASN A 239 2.54 -25.76 2.64
CA ASN A 239 3.45 -24.80 3.25
C ASN A 239 2.71 -23.59 3.80
N ARG A 240 1.39 -23.63 3.75
CA ARG A 240 0.60 -22.41 3.88
C ARG A 240 -0.30 -22.43 5.12
N ILE A 241 -0.32 -21.33 5.85
CA ILE A 241 -1.25 -21.14 6.96
C ILE A 241 -2.52 -20.42 6.54
N PHE A 242 -3.64 -20.82 7.11
CA PHE A 242 -4.91 -20.15 6.88
C PHE A 242 -5.53 -19.75 8.18
N LEU A 243 -6.20 -18.61 8.20
CA LEU A 243 -6.96 -18.24 9.37
C LEU A 243 -8.08 -17.27 9.10
N ALA A 244 -8.98 -17.21 10.08
CA ALA A 244 -10.10 -16.30 10.11
C ALA A 244 -10.30 -15.91 11.57
N PHE A 245 -10.67 -14.65 11.81
CA PHE A 245 -10.97 -14.22 13.17
C PHE A 245 -11.84 -12.96 13.20
N TYR A 246 -12.46 -12.75 14.34
CA TYR A 246 -13.29 -11.59 14.55
C TYR A 246 -12.55 -10.64 15.49
N ILE A 247 -12.60 -9.35 15.19
CA ILE A 247 -12.29 -8.32 16.17
C ILE A 247 -13.60 -7.56 16.22
N GLY A 248 -14.18 -7.47 17.41
CA GLY A 248 -15.48 -6.84 17.54
C GLY A 248 -16.45 -7.61 16.67
N LYS A 249 -17.24 -6.90 15.87
CA LYS A 249 -18.11 -7.54 14.88
C LYS A 249 -17.52 -7.63 13.46
N VAL A 250 -16.27 -7.19 13.29
CA VAL A 250 -15.59 -7.25 11.99
C VAL A 250 -14.79 -8.55 11.80
N ARG A 251 -15.07 -9.23 10.69
CA ARG A 251 -14.50 -10.56 10.43
C ARG A 251 -13.43 -10.55 9.33
N LEU A 252 -12.23 -11.04 9.67
CA LEU A 252 -11.09 -10.99 8.74
C LEU A 252 -10.39 -12.32 8.48
N ILE A 253 -10.03 -12.56 7.23
CA ILE A 253 -9.36 -13.79 6.90
C ILE A 253 -7.99 -13.49 6.35
N ASP A 254 -7.11 -14.48 6.41
CA ASP A 254 -5.79 -14.29 5.85
C ASP A 254 -5.29 -15.67 5.57
N ASN A 255 -4.34 -15.77 4.67
CA ASN A 255 -3.55 -16.96 4.44
C ASN A 255 -2.24 -16.50 3.85
N PHE A 256 -1.14 -17.20 4.17
CA PHE A 256 0.17 -16.85 3.65
C PHE A 256 1.06 -18.08 3.73
N LEU A 257 2.17 -18.05 3.01
CA LEU A 257 3.14 -19.13 3.13
C LEU A 257 3.63 -19.19 4.57
N LYS A 258 3.66 -20.38 5.14
CA LYS A 258 4.23 -20.59 6.48
C LYS A 258 5.65 -20.11 6.50
N GLU A 259 6.41 -20.55 5.51
CA GLU A 259 7.82 -20.22 5.46
C GLU A 259 8.02 -18.72 5.43
N THR A 260 7.29 -18.02 4.57
CA THR A 260 7.46 -16.57 4.45
C THR A 260 6.15 -15.80 4.62
N GLY A 261 6.01 -15.07 5.72
CA GLY A 261 4.88 -14.19 5.87
C GLY A 261 4.45 -14.03 7.31
N PRO A 262 3.44 -13.18 7.56
CA PRO A 262 2.88 -12.30 6.53
C PRO A 262 3.87 -11.19 6.16
N SER A 263 4.05 -10.93 4.87
CA SER A 263 4.95 -9.88 4.39
C SER A 263 6.40 -10.31 4.51
N ALA B 3 19.54 -13.41 9.49
CA ALA B 3 20.61 -13.09 8.52
C ALA B 3 20.93 -11.58 8.48
N MSE B 4 20.03 -10.74 8.96
CA MSE B 4 20.27 -9.30 8.87
C MSE B 4 21.21 -8.88 9.97
O MSE B 4 20.97 -9.16 11.15
CB MSE B 4 18.97 -8.53 8.98
CG MSE B 4 19.17 -7.02 8.88
SE MSE B 4 17.48 -6.00 8.56
CE MSE B 4 16.48 -6.46 10.19
N ILE B 5 22.28 -8.20 9.61
CA ILE B 5 23.15 -7.58 10.57
C ILE B 5 22.49 -6.26 10.99
N ILE B 6 22.37 -6.04 12.29
CA ILE B 6 21.97 -4.72 12.75
C ILE B 6 23.19 -4.04 13.36
N ALA B 7 23.60 -2.90 12.80
CA ALA B 7 24.80 -2.18 13.27
C ALA B 7 24.43 -0.84 13.92
N ASP B 8 24.58 -0.74 15.24
N ASP B 8 24.58 -0.76 15.24
CA ASP B 8 24.09 0.43 15.97
CA ASP B 8 24.11 0.38 16.02
C ASP B 8 25.15 1.52 16.11
C ASP B 8 25.17 1.48 16.19
N ASN B 9 26.32 1.28 15.54
CA ASN B 9 27.39 2.23 15.62
C ASN B 9 28.31 2.15 14.43
N ILE B 10 29.03 3.23 14.22
CA ILE B 10 29.95 3.35 13.11
C ILE B 10 31.00 2.25 13.02
N LYS B 11 31.76 2.05 14.09
CA LYS B 11 32.81 1.04 14.05
C LYS B 11 32.25 -0.31 13.60
N GLN B 12 31.24 -0.80 14.29
CA GLN B 12 30.64 -2.04 13.84
C GLN B 12 30.35 -1.93 12.34
N PHE B 13 29.70 -0.84 11.94
CA PHE B 13 29.32 -0.70 10.54
C PHE B 13 30.50 -0.69 9.56
N HIS B 14 31.57 0.02 9.89
CA HIS B 14 32.74 0.04 9.01
C HIS B 14 33.24 -1.35 8.69
N SER B 15 33.52 -2.14 9.72
CA SER B 15 34.14 -3.44 9.49
C SER B 15 33.28 -4.20 8.50
N ILE B 16 31.98 -3.96 8.59
CA ILE B 16 31.03 -4.55 7.64
C ILE B 16 31.19 -3.93 6.26
N ARG B 17 31.14 -2.61 6.17
CA ARG B 17 31.30 -1.94 4.88
C ARG B 17 32.56 -2.43 4.13
N ASN B 18 33.69 -2.49 4.81
CA ASN B 18 34.96 -2.79 4.13
C ASN B 18 35.32 -4.28 4.04
N SER B 19 34.39 -5.13 4.44
CA SER B 19 34.50 -6.54 4.18
C SER B 19 33.88 -6.93 2.84
N LEU B 20 33.38 -5.97 2.07
CA LEU B 20 32.64 -6.31 0.85
C LEU B 20 33.43 -6.13 -0.44
N ILE B 21 33.21 -7.04 -1.38
CA ILE B 21 33.90 -7.07 -2.67
C ILE B 21 33.41 -6.02 -3.68
N LYS B 22 34.30 -5.63 -4.60
CA LYS B 22 33.98 -4.64 -5.62
C LYS B 22 32.93 -5.18 -6.56
N GLN B 23 32.99 -6.48 -6.78
CA GLN B 23 32.09 -7.15 -7.69
C GLN B 23 30.66 -7.11 -7.15
N GLN B 24 30.52 -6.71 -5.89
CA GLN B 24 29.21 -6.53 -5.27
C GLN B 24 28.76 -5.08 -5.39
N LYS B 25 27.53 -4.91 -5.82
CA LYS B 25 26.99 -3.57 -5.89
C LYS B 25 26.16 -3.29 -4.64
N ILE B 26 26.35 -2.09 -4.09
CA ILE B 26 25.70 -1.71 -2.84
C ILE B 26 24.66 -0.65 -3.15
N GLY B 27 23.39 -0.94 -2.86
CA GLY B 27 22.38 0.11 -2.81
C GLY B 27 22.14 0.65 -1.41
N PHE B 28 21.79 1.91 -1.30
CA PHE B 28 21.53 2.53 -0.02
C PHE B 28 20.17 3.22 -0.03
N VAL B 29 19.41 2.97 1.02
CA VAL B 29 18.12 3.59 1.22
C VAL B 29 18.14 4.27 2.59
N PRO B 30 18.45 5.56 2.63
CA PRO B 30 18.35 6.30 3.88
C PRO B 30 16.90 6.51 4.35
N THR B 31 16.65 6.30 5.64
N THR B 31 16.62 6.26 5.62
CA THR B 31 15.33 6.47 6.21
CA THR B 31 15.31 6.55 6.18
C THR B 31 15.36 7.03 7.64
C THR B 31 15.37 7.07 7.62
N MSE B 32 14.28 7.71 8.01
CA MSE B 32 14.06 8.19 9.37
C MSE B 32 13.25 7.19 10.23
O MSE B 32 12.69 7.54 11.26
CB MSE B 32 13.53 9.61 9.37
CG MSE B 32 14.50 10.53 8.65
SE MSE B 32 14.51 12.31 9.43
CE MSE B 32 12.57 12.56 9.29
N GLY B 33 13.06 5.98 9.72
CA GLY B 33 12.37 4.97 10.48
C GLY B 33 10.87 5.07 10.27
N ALA B 34 10.10 4.31 11.05
CA ALA B 34 8.66 4.34 11.01
C ALA B 34 8.21 3.96 9.59
N LEU B 35 8.80 2.87 9.10
CA LEU B 35 8.59 2.42 7.74
C LEU B 35 7.14 2.12 7.32
N HIS B 36 6.80 2.61 6.13
CA HIS B 36 5.56 2.33 5.44
C HIS B 36 5.86 1.82 4.03
N ASN B 37 4.79 1.62 3.23
CA ASN B 37 4.95 1.05 1.88
C ASN B 37 5.74 1.92 0.91
N GLY B 38 5.71 3.24 1.09
CA GLY B 38 6.60 4.11 0.37
C GLY B 38 8.03 3.62 0.56
N HIS B 39 8.45 3.47 1.82
CA HIS B 39 9.80 3.00 2.10
C HIS B 39 10.11 1.66 1.45
N ILE B 40 9.18 0.71 1.64
CA ILE B 40 9.25 -0.65 1.07
C ILE B 40 9.48 -0.62 -0.45
N SER B 41 8.74 0.25 -1.12
CA SER B 41 8.82 0.35 -2.58
C SER B 41 10.25 0.66 -3.01
N LEU B 42 10.88 1.62 -2.32
CA LEU B 42 12.30 1.93 -2.48
C LEU B 42 13.22 0.72 -2.24
N ILE B 43 12.96 0.02 -1.17
CA ILE B 43 13.75 -1.14 -0.82
C ILE B 43 13.59 -2.29 -1.82
N LYS B 44 12.36 -2.56 -2.23
CA LYS B 44 12.09 -3.62 -3.20
C LYS B 44 12.85 -3.31 -4.48
N LYS B 45 12.96 -2.03 -4.78
CA LYS B 45 13.71 -1.61 -5.95
C LYS B 45 15.23 -1.75 -5.72
N ALA B 46 15.71 -1.49 -4.50
CA ALA B 46 17.12 -1.74 -4.24
C ALA B 46 17.49 -3.23 -4.26
N LYS B 47 16.66 -4.09 -3.67
CA LYS B 47 16.92 -5.53 -3.71
C LYS B 47 17.06 -6.06 -5.13
N SER B 48 16.29 -5.47 -6.04
CA SER B 48 16.25 -5.92 -7.44
C SER B 48 17.51 -5.52 -8.20
N GLU B 49 18.06 -4.35 -7.90
CA GLU B 49 19.25 -3.90 -8.61
C GLU B 49 20.61 -4.14 -7.93
N ASN B 50 20.62 -4.74 -6.75
CA ASN B 50 21.87 -4.86 -5.98
C ASN B 50 22.12 -6.23 -5.36
N ASP B 51 23.39 -6.50 -5.13
CA ASP B 51 23.84 -7.66 -4.41
C ASP B 51 23.78 -7.44 -2.90
N VAL B 52 23.91 -6.18 -2.47
CA VAL B 52 23.76 -5.82 -1.06
C VAL B 52 22.89 -4.58 -0.88
N VAL B 53 21.95 -4.64 0.05
CA VAL B 53 21.12 -3.47 0.29
C VAL B 53 21.30 -3.02 1.71
N ILE B 54 21.52 -1.74 1.83
CA ILE B 54 21.71 -1.12 3.12
C ILE B 54 20.56 -0.14 3.32
N VAL B 55 19.86 -0.31 4.43
CA VAL B 55 18.84 0.65 4.79
C VAL B 55 19.34 1.28 6.07
N SER B 56 19.17 2.59 6.20
CA SER B 56 19.50 3.20 7.46
C SER B 56 18.24 3.75 8.11
N ILE B 57 18.20 3.67 9.43
CA ILE B 57 17.20 4.37 10.17
C ILE B 57 17.94 5.30 11.11
N PHE B 58 17.85 6.59 10.82
CA PHE B 58 18.33 7.61 11.71
C PHE B 58 17.41 8.78 11.71
N VAL B 59 16.89 9.17 12.86
CA VAL B 59 16.10 10.37 12.80
C VAL B 59 17.09 11.50 13.06
N ASN B 60 17.36 12.30 12.04
CA ASN B 60 18.37 13.36 12.14
C ASN B 60 17.81 14.65 12.72
N PRO B 61 18.23 14.98 13.93
CA PRO B 61 17.78 16.10 14.76
C PRO B 61 17.97 17.40 14.04
N THR B 62 19.04 17.40 13.25
CA THR B 62 19.56 18.56 12.55
C THR B 62 18.64 19.08 11.43
N GLN B 63 17.77 18.23 10.91
CA GLN B 63 16.80 18.58 9.83
C GLN B 63 15.50 19.12 10.37
N PHE B 64 15.28 18.95 11.66
CA PHE B 64 14.03 19.38 12.26
C PHE B 64 14.11 20.85 12.65
N ASN B 65 13.27 21.68 12.06
CA ASN B 65 13.20 23.08 12.44
C ASN B 65 12.12 23.37 13.50
N ASN B 66 11.25 22.40 13.75
CA ASN B 66 10.30 22.45 14.86
C ASN B 66 10.52 21.38 15.96
N PRO B 67 10.77 21.81 17.21
CA PRO B 67 11.05 20.90 18.33
C PRO B 67 9.98 19.84 18.56
N ASN B 68 8.73 20.23 18.47
CA ASN B 68 7.66 19.30 18.82
C ASN B 68 7.50 18.25 17.73
N ASP B 69 7.71 18.66 16.49
CA ASP B 69 7.87 17.77 15.35
C ASP B 69 8.91 16.68 15.68
N TYR B 70 9.99 17.08 16.36
CA TYR B 70 11.05 16.15 16.72
C TYR B 70 10.61 15.22 17.87
N GLN B 71 9.99 15.78 18.90
CA GLN B 71 9.40 14.97 19.96
C GLN B 71 8.28 14.08 19.45
N THR B 72 7.41 14.65 18.62
CA THR B 72 6.32 13.99 17.89
C THR B 72 6.75 12.77 17.09
N TYR B 73 7.95 12.81 16.50
CA TYR B 73 8.27 11.96 15.37
C TYR B 73 8.24 10.50 15.76
N PRO B 74 7.53 9.71 14.97
CA PRO B 74 7.20 8.33 15.37
C PRO B 74 8.38 7.33 15.42
N ASN B 75 8.46 6.56 16.49
CA ASN B 75 9.43 5.47 16.60
C ASN B 75 8.71 4.15 16.66
N GLN B 76 8.81 3.32 15.63
CA GLN B 76 8.64 1.89 15.86
C GLN B 76 9.91 1.19 15.49
N LEU B 77 10.77 0.92 16.43
CA LEU B 77 12.07 0.46 15.99
C LEU B 77 11.95 -1.03 15.73
N GLN B 78 11.27 -1.71 16.65
N GLN B 78 11.23 -1.68 16.63
CA GLN B 78 11.18 -3.16 16.57
CA GLN B 78 11.11 -3.12 16.66
C GLN B 78 10.33 -3.59 15.39
C GLN B 78 10.29 -3.60 15.47
N GLN B 79 9.25 -2.85 15.13
CA GLN B 79 8.38 -3.16 14.00
C GLN B 79 9.14 -2.95 12.72
N ASP B 80 10.06 -1.98 12.75
CA ASP B 80 10.85 -1.62 11.59
C ASP B 80 11.89 -2.66 11.27
N ILE B 81 12.50 -3.18 12.33
CA ILE B 81 13.42 -4.29 12.18
C ILE B 81 12.71 -5.47 11.52
N GLN B 82 11.54 -5.82 12.05
CA GLN B 82 10.71 -6.86 11.47
C GLN B 82 10.51 -6.64 9.98
N ILE B 83 10.01 -5.47 9.64
CA ILE B 83 9.66 -5.22 8.26
C ILE B 83 10.92 -5.43 7.41
N LEU B 84 12.02 -4.87 7.88
CA LEU B 84 13.29 -4.88 7.15
C LEU B 84 13.80 -6.30 6.98
N ALA B 85 13.47 -7.16 7.95
CA ALA B 85 13.85 -8.56 7.89
C ALA B 85 13.04 -9.39 6.90
N SER B 86 11.71 -9.20 6.86
CA SER B 86 10.88 -9.93 5.88
C SER B 86 11.06 -9.41 4.44
N LEU B 87 11.82 -8.32 4.32
CA LEU B 87 12.33 -7.86 3.03
C LEU B 87 13.71 -8.50 2.73
N ASP B 88 14.27 -9.18 3.73
CA ASP B 88 15.62 -9.71 3.60
C ASP B 88 16.64 -8.61 3.25
N VAL B 89 16.54 -7.49 3.96
CA VAL B 89 17.53 -6.41 3.89
C VAL B 89 18.84 -6.88 4.56
N ASP B 90 19.96 -6.77 3.84
CA ASP B 90 21.29 -7.18 4.30
C ASP B 90 21.78 -6.50 5.59
N VAL B 91 21.96 -5.19 5.51
CA VAL B 91 22.44 -4.42 6.66
C VAL B 91 21.51 -3.30 7.10
N LEU B 92 21.12 -3.34 8.36
CA LEU B 92 20.44 -2.23 8.97
C LEU B 92 21.46 -1.39 9.73
N PHE B 93 21.67 -0.18 9.25
CA PHE B 93 22.51 0.81 9.93
C PHE B 93 21.59 1.78 10.67
N ASN B 94 21.58 1.71 12.00
CA ASN B 94 20.82 2.66 12.80
C ASN B 94 21.66 3.21 13.93
N PRO B 95 22.33 4.33 13.65
CA PRO B 95 23.26 4.91 14.60
C PRO B 95 22.58 5.86 15.59
N SER B 96 23.37 6.38 16.51
CA SER B 96 22.96 7.38 17.47
C SER B 96 23.50 8.75 17.08
N GLU B 97 23.10 9.79 17.79
CA GLU B 97 23.61 11.10 17.45
C GLU B 97 25.12 11.16 17.66
N LYS B 98 25.63 10.68 18.80
CA LYS B 98 27.08 10.66 19.06
C LYS B 98 27.84 10.07 17.87
N ASP B 99 27.28 9.00 17.29
CA ASP B 99 27.87 8.36 16.13
C ASP B 99 28.02 9.31 14.96
N ILE B 100 26.93 9.97 14.60
CA ILE B 100 26.90 10.87 13.43
C ILE B 100 27.50 12.27 13.66
N TYR B 101 27.37 12.80 14.88
CA TYR B 101 27.85 14.13 15.22
C TYR B 101 28.66 14.05 16.49
N PRO B 102 29.82 13.39 16.44
CA PRO B 102 30.69 13.10 17.59
C PRO B 102 31.04 14.35 18.36
N ASP B 103 31.30 15.44 17.63
CA ASP B 103 31.59 16.75 18.24
C ASP B 103 30.45 17.78 18.31
N GLY B 104 29.23 17.41 17.87
CA GLY B 104 28.12 18.35 17.77
C GLY B 104 27.86 18.76 16.33
N ASN B 105 27.01 19.76 16.01
CA ASN B 105 26.93 20.06 14.58
C ASN B 105 27.77 21.30 14.27
N LEU B 106 29.04 21.06 13.94
CA LEU B 106 30.05 22.09 13.67
C LEU B 106 30.16 22.56 12.25
N LEU B 107 30.10 21.59 11.35
CA LEU B 107 30.24 21.88 9.94
C LEU B 107 28.94 21.62 9.19
N ARG B 108 28.44 22.62 8.48
CA ARG B 108 27.16 22.47 7.77
C ARG B 108 27.32 22.63 6.29
N ILE B 109 26.57 21.82 5.55
CA ILE B 109 26.30 22.13 4.17
C ILE B 109 25.25 23.22 4.19
N GLU B 110 25.58 24.35 3.57
CA GLU B 110 24.65 25.42 3.33
C GLU B 110 24.44 25.65 1.82
N PRO B 111 23.21 25.40 1.32
CA PRO B 111 22.81 25.67 -0.07
C PRO B 111 22.63 27.13 -0.41
N LYS B 112 23.25 27.67 -1.48
CA LYS B 112 22.74 28.91 -2.06
C LYS B 112 22.34 28.65 -3.49
N LEU B 113 21.04 28.52 -3.69
CA LEU B 113 20.45 28.37 -5.00
C LEU B 113 19.00 28.70 -4.75
N GLU B 114 18.26 29.03 -5.80
CA GLU B 114 16.85 29.33 -5.65
C GLU B 114 16.09 28.10 -5.15
N ILE B 115 16.42 26.93 -5.71
CA ILE B 115 15.60 25.74 -5.46
C ILE B 115 15.64 25.34 -3.99
N ALA B 116 16.56 25.95 -3.25
CA ALA B 116 16.59 25.82 -1.81
C ALA B 116 15.95 26.99 -1.09
N ASN B 117 15.57 28.01 -1.85
CA ASN B 117 14.88 29.18 -1.29
C ASN B 117 13.35 29.17 -1.45
N ILE B 118 12.81 28.17 -2.13
CA ILE B 118 11.38 28.20 -2.33
C ILE B 118 10.72 27.04 -1.63
N LEU B 119 9.40 27.01 -1.72
CA LEU B 119 8.62 25.90 -1.22
C LEU B 119 9.05 25.46 0.17
N GLU B 120 9.42 24.18 0.27
CA GLU B 120 9.86 23.56 1.50
C GLU B 120 10.99 24.32 2.18
N GLY B 121 11.77 25.04 1.38
CA GLY B 121 12.90 25.83 1.83
C GLY B 121 12.50 27.04 2.64
N LYS B 122 11.49 27.78 2.16
CA LYS B 122 10.88 28.87 2.95
C LYS B 122 10.22 28.34 4.24
N SER B 123 9.31 27.38 4.10
CA SER B 123 8.53 26.89 5.24
C SER B 123 9.32 26.01 6.23
N ARG B 124 10.53 25.58 5.86
CA ARG B 124 11.38 24.84 6.81
C ARG B 124 12.82 25.38 6.90
N PRO B 125 12.99 26.53 7.54
CA PRO B 125 14.32 27.15 7.63
C PRO B 125 15.30 26.26 8.37
N GLY B 126 16.49 26.10 7.79
CA GLY B 126 17.55 25.30 8.40
C GLY B 126 17.47 23.86 7.94
N HIS B 127 16.30 23.47 7.46
CA HIS B 127 16.00 22.06 7.24
C HIS B 127 16.88 21.46 6.14
N PHE B 128 16.96 22.17 5.02
CA PHE B 128 17.75 21.69 3.88
C PHE B 128 19.26 21.54 4.19
N SER B 129 19.80 22.46 4.99
CA SER B 129 21.17 22.34 5.45
C SER B 129 21.35 21.11 6.35
N GLY B 130 20.37 20.93 7.22
CA GLY B 130 20.36 19.78 8.08
C GLY B 130 20.41 18.48 7.31
N MSE B 131 19.51 18.35 6.34
CA MSE B 131 19.42 17.13 5.57
C MSE B 131 20.69 16.90 4.72
O MSE B 131 21.28 15.81 4.73
CB MSE B 131 18.15 17.17 4.72
CG MSE B 131 18.02 16.06 3.71
SE MSE B 131 18.78 16.54 1.95
CE MSE B 131 17.66 18.06 1.47
N LEU B 132 21.11 17.94 4.02
CA LEU B 132 22.33 17.86 3.22
C LEU B 132 23.57 17.38 4.01
N THR B 133 23.77 17.95 5.20
CA THR B 133 24.82 17.50 6.08
C THR B 133 24.71 16.00 6.44
N VAL B 134 23.54 15.53 6.86
CA VAL B 134 23.41 14.13 7.24
C VAL B 134 23.56 13.20 6.04
N VAL B 135 22.93 13.53 4.92
CA VAL B 135 23.09 12.73 3.71
C VAL B 135 24.53 12.67 3.25
N LEU B 136 25.25 13.75 3.45
CA LEU B 136 26.66 13.73 3.07
C LEU B 136 27.40 12.76 3.97
N LYS B 137 27.16 12.84 5.26
CA LYS B 137 27.78 11.93 6.20
C LYS B 137 27.37 10.51 5.86
N LEU B 138 26.07 10.30 5.71
CA LEU B 138 25.57 8.95 5.44
C LEU B 138 26.23 8.37 4.21
N LEU B 139 26.38 9.18 3.17
CA LEU B 139 26.99 8.67 1.94
C LEU B 139 28.48 8.41 2.11
N GLN B 140 29.16 9.35 2.73
CA GLN B 140 30.57 9.19 3.06
C GLN B 140 30.84 7.93 3.89
N ILE B 141 29.88 7.56 4.74
CA ILE B 141 29.98 6.30 5.47
C ILE B 141 29.60 5.04 4.65
N THR B 142 28.47 5.07 3.94
CA THR B 142 28.04 3.86 3.25
C THR B 142 28.77 3.63 1.96
N LYS B 143 29.08 4.71 1.24
CA LYS B 143 29.85 4.59 0.02
C LYS B 143 29.12 3.65 -0.90
N PRO B 144 27.86 3.94 -1.20
CA PRO B 144 27.24 2.91 -2.03
C PRO B 144 27.32 3.19 -3.54
N ASN B 145 26.87 2.22 -4.34
CA ASN B 145 26.78 2.41 -5.79
C ASN B 145 25.52 3.12 -6.17
N ASN B 146 24.43 2.71 -5.51
CA ASN B 146 23.10 3.20 -5.82
C ASN B 146 22.35 3.75 -4.60
N LEU B 147 21.84 4.98 -4.77
CA LEU B 147 21.06 5.66 -3.76
C LEU B 147 19.62 5.73 -4.23
N TYR B 148 18.69 5.45 -3.32
CA TYR B 148 17.27 5.40 -3.68
C TYR B 148 16.50 6.45 -2.91
N LEU B 149 15.89 7.35 -3.66
CA LEU B 149 15.19 8.48 -3.12
C LEU B 149 13.77 8.51 -3.70
N GLY B 150 12.80 8.98 -2.92
CA GLY B 150 11.43 9.16 -3.40
C GLY B 150 11.16 10.48 -4.11
N GLU B 151 10.34 10.43 -5.15
CA GLU B 151 10.03 11.62 -5.91
C GLU B 151 9.21 12.54 -5.02
N LYS B 152 8.75 12.03 -3.90
CA LYS B 152 7.88 12.81 -3.03
C LYS B 152 8.59 14.00 -2.48
N ASP B 153 9.88 13.88 -2.14
CA ASP B 153 10.56 15.08 -1.72
C ASP B 153 11.41 15.53 -2.88
N TYR B 154 10.86 16.48 -3.60
CA TYR B 154 11.33 16.68 -4.95
C TYR B 154 12.56 17.57 -4.89
N GLN B 155 12.44 18.56 -4.04
CA GLN B 155 13.50 19.51 -3.85
C GLN B 155 14.68 18.79 -3.26
N GLN B 156 14.40 17.93 -2.30
CA GLN B 156 15.48 17.24 -1.66
C GLN B 156 16.18 16.44 -2.72
N VAL B 157 15.40 15.81 -3.60
CA VAL B 157 16.05 14.99 -4.59
C VAL B 157 16.99 15.83 -5.43
N MSE B 158 16.52 17.01 -5.83
N MSE B 158 16.51 17.00 -5.81
CA MSE B 158 17.31 17.84 -6.71
CA MSE B 158 17.28 17.87 -6.67
C MSE B 158 18.55 18.32 -5.96
C MSE B 158 18.56 18.24 -5.93
O MSE B 158 19.63 18.47 -6.53
O MSE B 158 19.66 18.20 -6.49
CB MSE B 158 16.48 19.01 -7.25
CB MSE B 158 16.47 19.13 -7.01
CG MSE B 158 15.44 18.63 -8.32
CG MSE B 158 15.34 18.90 -8.02
SE MSE B 158 16.21 18.22 -10.08
SE MSE B 158 14.36 20.55 -8.48
CE MSE B 158 14.62 17.94 -11.13
CE MSE B 158 15.72 21.40 -9.59
N LEU B 159 18.40 18.54 -4.65
CA LEU B 159 19.49 19.00 -3.84
C LEU B 159 20.58 17.93 -3.66
N ILE B 160 20.15 16.68 -3.58
CA ILE B 160 21.05 15.59 -3.31
C ILE B 160 21.76 15.29 -4.60
N LYS B 161 21.10 15.54 -5.72
CA LYS B 161 21.74 15.40 -7.02
C LYS B 161 22.86 16.41 -7.18
N GLN B 162 22.63 17.62 -6.71
CA GLN B 162 23.68 18.61 -6.72
C GLN B 162 24.82 18.14 -5.83
N LEU B 163 24.47 17.84 -4.57
CA LEU B 163 25.44 17.44 -3.53
C LEU B 163 26.40 16.37 -4.04
N VAL B 164 25.87 15.36 -4.69
CA VAL B 164 26.66 14.24 -5.20
C VAL B 164 27.65 14.67 -6.28
N LYS B 165 27.22 15.58 -7.13
CA LYS B 165 28.02 16.04 -8.23
C LYS B 165 29.10 17.02 -7.74
N ASP B 166 28.71 17.89 -6.81
CA ASP B 166 29.61 18.89 -6.25
C ASP B 166 30.75 18.26 -5.40
N PHE B 167 30.42 17.21 -4.67
CA PHE B 167 31.35 16.49 -3.81
C PHE B 167 31.99 15.23 -4.35
N PHE B 168 31.79 15.00 -5.65
CA PHE B 168 32.50 13.95 -6.40
C PHE B 168 32.37 12.58 -5.77
N ILE B 169 31.14 12.22 -5.44
CA ILE B 169 30.82 10.91 -4.90
C ILE B 169 30.29 10.05 -6.03
N ASN B 170 30.85 8.87 -6.28
N ASN B 170 30.83 8.84 -6.21
CA ASN B 170 30.28 8.12 -7.38
CA ASN B 170 30.32 8.02 -7.30
C ASN B 170 29.19 7.18 -6.86
C ASN B 170 29.17 7.18 -6.78
N THR B 171 27.96 7.62 -7.08
CA THR B 171 26.78 6.87 -6.71
C THR B 171 25.77 7.32 -7.69
N LYS B 172 24.95 6.40 -8.16
CA LYS B 172 23.87 6.76 -9.06
C LYS B 172 22.72 7.18 -8.18
N ILE B 173 22.00 8.22 -8.59
CA ILE B 173 20.77 8.48 -7.93
C ILE B 173 19.61 7.87 -8.74
N ILE B 174 18.78 7.08 -8.04
CA ILE B 174 17.59 6.46 -8.62
C ILE B 174 16.35 7.07 -7.97
N VAL B 175 15.48 7.72 -8.75
CA VAL B 175 14.28 8.33 -8.18
C VAL B 175 13.06 7.42 -8.26
N CYS B 176 12.31 7.30 -7.17
CA CYS B 176 11.18 6.38 -7.14
C CYS B 176 9.85 7.11 -6.89
N PRO B 177 8.79 6.63 -7.55
CA PRO B 177 7.45 7.24 -7.59
C PRO B 177 6.76 7.20 -6.24
N THR B 178 6.01 8.27 -5.93
CA THR B 178 5.28 8.37 -4.68
C THR B 178 4.22 7.28 -4.54
N GLN B 179 4.27 6.56 -3.42
CA GLN B 179 3.24 5.57 -3.12
C GLN B 179 2.07 6.23 -2.42
N ARG B 180 0.85 5.94 -2.84
CA ARG B 180 -0.32 6.61 -2.31
C ARG B 180 -1.40 5.69 -1.78
N GLN B 181 -2.24 6.27 -0.93
CA GLN B 181 -3.47 5.65 -0.50
C GLN B 181 -4.36 5.78 -1.71
N PRO B 182 -5.43 4.95 -1.79
CA PRO B 182 -6.46 4.99 -2.83
C PRO B 182 -7.00 6.42 -3.04
N SER B 183 -7.22 7.15 -1.96
CA SER B 183 -7.67 8.53 -2.06
C SER B 183 -6.71 9.39 -2.87
N GLY B 184 -5.46 8.98 -2.93
CA GLY B 184 -4.39 9.73 -3.58
C GLY B 184 -3.39 10.34 -2.60
N LEU B 185 -3.74 10.33 -1.32
CA LEU B 185 -2.86 10.82 -0.28
C LEU B 185 -1.56 9.97 -0.23
N PRO B 186 -0.41 10.61 -0.39
CA PRO B 186 0.92 10.02 -0.28
C PRO B 186 1.20 9.33 1.06
N LEU B 187 1.70 8.10 0.99
CA LEU B 187 2.15 7.42 2.18
C LEU B 187 3.21 8.23 2.90
N SER B 188 3.08 8.32 4.22
CA SER B 188 3.96 9.19 4.99
C SER B 188 4.19 8.69 6.42
N SER B 189 5.36 8.95 6.97
CA SER B 189 5.57 8.61 8.35
C SER B 189 4.70 9.44 9.31
N ARG B 190 4.56 10.73 9.09
CA ARG B 190 3.85 11.55 10.09
C ARG B 190 2.37 11.21 10.17
N ASN B 191 1.88 10.55 9.13
CA ASN B 191 0.50 10.08 9.08
C ASN B 191 0.16 9.23 10.30
N LYS B 192 1.15 8.48 10.80
CA LYS B 192 0.92 7.64 11.97
C LYS B 192 0.56 8.53 13.15
N ASN B 193 0.73 9.83 12.98
CA ASN B 193 0.21 10.78 13.97
C ASN B 193 -1.17 11.31 13.71
N LEU B 194 -1.76 11.03 12.56
CA LEU B 194 -3.11 11.51 12.31
C LEU B 194 -4.10 10.72 13.14
N THR B 195 -5.17 11.39 13.54
CA THR B 195 -6.25 10.70 14.26
C THR B 195 -7.14 10.10 13.22
N SER B 196 -8.14 9.35 13.68
CA SER B 196 -9.06 8.69 12.75
C SER B 196 -9.91 9.68 11.97
N THR B 197 -10.30 10.78 12.61
CA THR B 197 -11.03 11.79 11.88
C THR B 197 -10.07 12.63 11.02
N ASP B 198 -8.93 12.98 11.59
CA ASP B 198 -7.91 13.72 10.85
C ASP B 198 -7.55 12.98 9.57
N ILE B 199 -7.43 11.65 9.68
CA ILE B 199 -7.22 10.80 8.52
C ILE B 199 -8.33 10.97 7.48
N GLU B 200 -9.58 11.10 7.92
CA GLU B 200 -10.65 11.32 6.94
C GLU B 200 -10.59 12.72 6.31
N ILE B 201 -10.21 13.72 7.08
CA ILE B 201 -9.96 15.04 6.51
C ILE B 201 -8.90 15.01 5.40
N ALA B 202 -7.83 14.25 5.61
CA ALA B 202 -6.80 14.12 4.59
C ALA B 202 -7.44 13.67 3.29
N ASN B 203 -8.23 12.60 3.35
CA ASN B 203 -8.79 12.02 2.12
C ASN B 203 -9.76 13.01 1.42
N LYS B 204 -10.52 13.78 2.20
CA LYS B 204 -11.35 14.84 1.66
C LYS B 204 -10.45 15.74 0.83
N ILE B 205 -9.40 16.25 1.46
CA ILE B 205 -8.47 17.11 0.76
C ILE B 205 -8.03 16.48 -0.57
N TYR B 206 -7.73 15.19 -0.56
CA TYR B 206 -7.27 14.54 -1.78
C TYR B 206 -8.35 14.24 -2.81
N GLU B 207 -9.59 14.21 -2.37
CA GLU B 207 -10.68 14.05 -3.32
C GLU B 207 -10.93 15.38 -4.05
N ILE B 208 -10.82 16.46 -3.30
CA ILE B 208 -10.75 17.80 -3.85
C ILE B 208 -9.58 18.00 -4.85
N LEU B 209 -8.39 17.50 -4.51
CA LEU B 209 -7.27 17.64 -5.43
C LEU B 209 -7.51 16.79 -6.70
N ARG B 210 -8.16 15.64 -6.53
CA ARG B 210 -8.41 14.73 -7.66
C ARG B 210 -9.27 15.37 -8.76
N GLN B 211 -10.19 16.25 -8.38
CA GLN B 211 -10.72 17.18 -9.36
C GLN B 211 -10.33 18.58 -8.98
N ASP B 212 -9.37 19.11 -9.69
CA ASP B 212 -9.20 20.54 -9.79
C ASP B 212 -8.46 20.62 -11.10
N ASP B 213 -8.69 21.68 -11.85
CA ASP B 213 -7.86 21.95 -13.01
C ASP B 213 -6.67 22.81 -12.58
N PHE B 214 -6.63 23.14 -11.28
CA PHE B 214 -5.55 23.94 -10.69
C PHE B 214 -5.45 25.32 -11.34
N SER B 215 -6.58 25.74 -11.91
CA SER B 215 -6.67 27.05 -12.57
C SER B 215 -6.86 28.15 -11.55
N ASN B 216 -7.54 27.86 -10.45
CA ASN B 216 -7.57 28.88 -9.42
C ASN B 216 -7.16 28.40 -8.04
N LEU B 217 -6.00 28.88 -7.61
CA LEU B 217 -5.37 28.37 -6.40
C LEU B 217 -5.94 28.96 -5.13
N GLU B 218 -6.34 30.22 -5.17
CA GLU B 218 -6.98 30.78 -4.00
C GLU B 218 -8.25 30.00 -3.65
N GLU B 219 -8.97 29.54 -4.68
CA GLU B 219 -10.21 28.79 -4.52
C GLU B 219 -9.93 27.36 -4.05
N LEU B 220 -8.97 26.73 -4.71
CA LEU B 220 -8.46 25.45 -4.27
C LEU B 220 -8.03 25.58 -2.79
N THR B 221 -7.50 26.76 -2.46
CA THR B 221 -7.01 26.99 -1.11
C THR B 221 -8.17 27.05 -0.15
N ASN B 222 -9.21 27.77 -0.53
CA ASN B 222 -10.33 27.88 0.39
C ASN B 222 -11.03 26.55 0.55
N LYS B 223 -11.10 25.81 -0.55
CA LYS B 223 -11.60 24.45 -0.48
C LYS B 223 -10.82 23.60 0.53
N ILE B 224 -9.49 23.48 0.36
CA ILE B 224 -8.68 22.74 1.32
C ILE B 224 -8.94 23.23 2.74
N ASN B 225 -8.91 24.54 2.95
CA ASN B 225 -9.08 25.01 4.33
C ASN B 225 -10.44 24.72 4.91
N SER B 226 -11.46 24.60 4.07
CA SER B 226 -12.80 24.36 4.61
C SER B 226 -12.93 22.97 5.21
N THR B 227 -12.03 22.07 4.84
CA THR B 227 -11.93 20.72 5.42
C THR B 227 -11.45 20.65 6.88
N GLY B 228 -10.99 21.77 7.43
CA GLY B 228 -10.41 21.79 8.77
C GLY B 228 -8.89 21.89 8.73
N ALA B 229 -8.33 21.51 7.58
CA ALA B 229 -6.90 21.55 7.32
C ALA B 229 -6.45 22.99 7.29
N LYS B 230 -5.15 23.19 7.44
CA LYS B 230 -4.57 24.51 7.24
C LYS B 230 -3.50 24.41 6.16
N LEU B 231 -3.78 24.98 5.01
CA LEU B 231 -2.87 24.91 3.89
C LEU B 231 -1.67 25.88 4.06
N GLN B 232 -0.45 25.34 4.01
CA GLN B 232 0.76 26.16 4.11
C GLN B 232 1.23 26.85 2.82
N TYR B 233 1.26 26.09 1.73
CA TYR B 233 1.48 26.67 0.41
C TYR B 233 1.01 25.72 -0.68
N ILE B 234 0.76 26.29 -1.85
CA ILE B 234 0.56 25.46 -3.01
C ILE B 234 0.99 26.26 -4.21
N GLN B 235 1.62 25.60 -5.17
CA GLN B 235 2.15 26.30 -6.35
C GLN B 235 2.38 25.41 -7.55
N LYS B 236 2.45 26.03 -8.72
CA LYS B 236 2.97 25.36 -9.90
C LYS B 236 4.35 25.87 -10.16
N LEU B 237 5.26 24.95 -10.39
CA LEU B 237 6.59 25.30 -10.87
C LEU B 237 6.72 24.25 -11.94
N ASN B 238 7.08 24.69 -13.14
CA ASN B 238 7.09 23.81 -14.29
C ASN B 238 5.75 23.13 -14.44
N ASN B 239 5.77 21.81 -14.62
CA ASN B 239 4.57 21.04 -14.92
C ASN B 239 3.83 20.55 -13.69
N ARG B 240 4.29 20.98 -12.53
CA ARG B 240 3.80 20.34 -11.32
C ARG B 240 3.24 21.23 -10.21
N ILE B 241 2.39 20.61 -9.39
CA ILE B 241 1.92 21.18 -8.15
C ILE B 241 2.84 20.77 -7.01
N PHE B 242 3.21 21.72 -6.18
CA PHE B 242 3.82 21.41 -4.90
C PHE B 242 2.83 21.91 -3.89
N LEU B 243 2.54 21.13 -2.87
CA LEU B 243 1.82 21.72 -1.77
C LEU B 243 2.26 21.15 -0.44
N ALA B 244 1.93 21.86 0.62
CA ALA B 244 2.05 21.33 1.96
C ALA B 244 0.89 21.88 2.77
N PHE B 245 0.51 21.17 3.82
CA PHE B 245 -0.55 21.65 4.69
C PHE B 245 -0.46 20.99 6.07
N TYR B 246 -1.13 21.61 7.02
CA TYR B 246 -1.38 20.99 8.32
C TYR B 246 -2.79 20.44 8.45
N ILE B 247 -2.88 19.31 9.14
CA ILE B 247 -4.07 18.82 9.82
C ILE B 247 -3.70 18.78 11.31
N GLY B 248 -4.30 19.64 12.12
CA GLY B 248 -3.87 19.74 13.52
C GLY B 248 -2.38 20.02 13.58
N LYS B 249 -1.66 19.21 14.37
CA LYS B 249 -0.20 19.34 14.51
C LYS B 249 0.57 18.65 13.38
N VAL B 250 -0.10 17.78 12.63
CA VAL B 250 0.65 16.99 11.66
C VAL B 250 0.86 17.71 10.35
N ARG B 251 2.11 17.70 9.87
CA ARG B 251 2.51 18.45 8.68
C ARG B 251 2.84 17.59 7.44
N LEU B 252 2.07 17.73 6.35
CA LEU B 252 2.25 16.85 5.18
C LEU B 252 2.54 17.59 3.88
N ILE B 253 3.27 16.94 2.98
CA ILE B 253 3.57 17.54 1.68
C ILE B 253 3.34 16.62 0.48
N ASP B 254 3.19 17.23 -0.69
CA ASP B 254 3.07 16.49 -1.94
C ASP B 254 3.58 17.28 -3.13
N ASN B 255 3.84 16.58 -4.23
CA ASN B 255 4.09 17.14 -5.52
C ASN B 255 3.67 16.14 -6.59
N PHE B 256 3.10 16.61 -7.69
CA PHE B 256 2.79 15.71 -8.80
C PHE B 256 2.55 16.47 -10.09
N LEU B 257 2.35 15.75 -11.20
CA LEU B 257 2.09 16.36 -12.50
C LEU B 257 0.71 16.98 -12.45
N LYS B 258 0.53 18.12 -13.12
CA LYS B 258 -0.77 18.79 -13.17
C LYS B 258 -1.86 17.84 -13.70
N GLU B 259 -1.49 17.05 -14.71
CA GLU B 259 -2.38 16.05 -15.32
C GLU B 259 -2.09 14.62 -14.82
N PRO B 262 -2.51 13.60 -8.56
CA PRO B 262 -1.99 12.61 -7.60
C PRO B 262 -2.60 11.22 -7.77
N SER B 263 -2.30 10.53 -8.87
CA SER B 263 -3.02 9.31 -9.26
C SER B 263 -2.63 8.02 -8.49
PG ANP C . -12.09 -7.54 0.49
O1G ANP C . -11.07 -7.93 1.47
O2G ANP C . -11.94 -8.33 -0.86
O3G ANP C . -12.05 -6.01 0.16
PB ANP C . -13.85 -9.35 -0.02
O1B ANP C . -12.65 -10.35 -0.27
O2B ANP C . -14.95 -10.18 0.63
N3B ANP C . -13.53 -8.01 0.99
PA ANP C . -13.76 -8.27 -2.76
O1A ANP C . -13.97 -6.87 -3.07
O2A ANP C . -14.72 -9.00 -3.69
O3A ANP C . -14.40 -8.77 -1.35
O5' ANP C . -12.36 -8.68 -3.33
C5' ANP C . -12.27 -8.57 -4.73
C4' ANP C . -11.11 -9.06 -5.48
O4' ANP C . -10.02 -8.37 -5.01
C3' ANP C . -10.86 -10.50 -5.17
O3' ANP C . -10.27 -11.19 -6.23
C2' ANP C . -10.04 -10.41 -4.01
O2' ANP C . -9.26 -11.54 -3.82
C1' ANP C . -9.15 -9.28 -4.34
N9 ANP C . -8.47 -8.72 -3.17
C8 ANP C . -9.04 -8.33 -2.03
N7 ANP C . -8.10 -7.94 -1.16
C5 ANP C . -6.92 -8.09 -1.77
C6 ANP C . -5.61 -7.82 -1.37
N6 ANP C . -5.35 -7.29 -0.09
N1 ANP C . -4.62 -8.09 -2.23
C2 ANP C . -4.87 -8.59 -3.45
N3 ANP C . -6.12 -8.85 -3.87
C4 ANP C . -7.14 -8.61 -3.06
N PRO D . -15.27 -12.77 -6.67
CA PRO D . -15.93 -12.65 -5.36
C PRO D . -17.40 -12.31 -5.52
O PRO D . -17.86 -11.23 -5.15
CB PRO D . -15.20 -11.47 -4.71
CG PRO D . -14.01 -11.22 -5.54
CD PRO D . -14.34 -11.66 -6.92
OXT PRO D . -18.16 -13.12 -6.04
MG MG E . -15.36 -5.00 -1.42
N BAL F . -14.33 -13.70 -0.69
CB BAL F . -14.77 -12.37 -1.02
CA BAL F . -16.25 -12.11 -1.05
C BAL F . -17.05 -11.98 0.23
O BAL F . -16.48 -11.89 1.35
OXT BAL F . -18.31 -11.95 0.21
N PRO G . 16.95 12.48 3.77
CA PRO G . 16.36 12.15 5.07
C PRO G . 17.33 11.31 5.91
O PRO G . 18.12 11.86 6.67
CB PRO G . 15.16 11.32 4.67
CG PRO G . 15.70 10.53 3.50
CD PRO G . 16.68 11.43 2.79
OXT PRO G . 17.36 10.09 5.85
PG ANP H . 7.99 10.42 5.47
O1G ANP H . 7.05 10.95 4.48
O2G ANP H . 7.93 11.25 6.82
O3G ANP H . 7.75 8.90 5.70
PB ANP H . 10.28 11.82 5.13
O1B ANP H . 9.90 12.62 6.43
O2B ANP H . 10.13 12.76 3.91
N3B ANP H . 9.45 10.37 4.85
PA ANP H . 11.84 9.71 5.22
O1A ANP H . 13.11 9.41 5.83
O2A ANP H . 10.83 8.89 5.93
O3A ANP H . 11.69 11.31 5.31
O5' ANP H . 11.91 9.23 3.77
C5' ANP H . 12.88 8.34 3.35
C4' ANP H . 12.91 8.12 1.90
O4' ANP H . 11.73 7.49 1.54
C3' ANP H . 12.94 9.43 1.17
O3' ANP H . 13.68 9.30 0.02
C2' ANP H . 11.57 9.66 0.87
O2' ANP H . 11.34 10.59 -0.18
C1' ANP H . 11.05 8.29 0.58
N9 ANP H . 9.57 8.27 0.66
C8 ANP H . 8.88 8.78 1.68
N7 ANP H . 7.59 8.64 1.45
C5 ANP H . 7.45 8.07 0.25
C6 ANP H . 6.32 7.71 -0.48
N6 ANP H . 5.06 7.97 0.05
N1 ANP H . 6.48 7.13 -1.66
C2 ANP H . 7.71 6.90 -2.14
N3 ANP H . 8.82 7.23 -1.45
C4 ANP H . 8.72 7.83 -0.27
N BAL I . 12.42 13.82 3.93
CB BAL I . 11.92 14.56 5.03
CA BAL I . 12.79 14.65 6.24
C BAL I . 12.09 15.27 7.37
O BAL I . 12.71 15.69 8.39
OXT BAL I . 10.85 15.40 7.29
#